data_5DJO
#
_entry.id   5DJO
#
_cell.length_a   99.154
_cell.length_b   50.014
_cell.length_c   66.941
_cell.angle_alpha   90.000
_cell.angle_beta   91.970
_cell.angle_gamma   90.000
#
_symmetry.space_group_name_H-M   'C 1 2 1'
#
loop_
_entity.id
_entity.type
_entity.pdbx_description
1 polymer 'Kinesin-like protein'
2 non-polymer 'FORMIC ACID'
3 non-polymer 'ACETIC ACID'
4 non-polymer DI(HYDROXYETHYL)ETHER
5 water water
#
_entity_poly.entity_id   1
_entity_poly.type   'polypeptide(L)'
_entity_poly.pdbx_seq_one_letter_code
;GPGSAMKAPELKEKLEESEKLIKELTVTWEEKLRKTEAIAQERQRQLESMGISLETSGIKVGDDKCYLVNLNADPALNEL
LVYYLKDHTRVGADTSQDIQLFGIGIQPEHCEIDIAADGDITLTPKENARSCVNGTLVCSTTQLWHGDRILWGNNHFFRI
NLPKRKRRDWLKDF
;
_entity_poly.pdbx_strand_id   A,B
#
# COMPACT_ATOMS: atom_id res chain seq x y z
N MET A 6 19.61 40.66 -37.38
CA MET A 6 20.67 40.25 -38.30
C MET A 6 21.69 41.38 -38.50
N LYS A 7 21.25 42.61 -38.32
CA LYS A 7 22.15 43.76 -38.29
C LYS A 7 22.39 44.20 -36.84
N ALA A 8 23.32 45.13 -36.63
CA ALA A 8 23.79 45.49 -35.29
C ALA A 8 22.71 45.82 -34.24
N PRO A 9 21.74 46.70 -34.56
CA PRO A 9 20.74 47.05 -33.52
C PRO A 9 19.98 45.84 -32.97
N GLU A 10 19.37 45.10 -33.88
CA GLU A 10 18.74 43.83 -33.59
C GLU A 10 19.64 42.95 -32.72
N LEU A 11 20.87 42.75 -33.17
CA LEU A 11 21.82 41.91 -32.47
C LEU A 11 22.05 42.35 -31.02
N LYS A 12 22.23 43.65 -30.78
CA LYS A 12 22.52 44.07 -29.41
C LYS A 12 21.27 43.91 -28.52
N GLU A 13 20.13 44.35 -29.04
CA GLU A 13 18.87 44.20 -28.29
C GLU A 13 18.71 42.75 -27.85
N LYS A 14 18.96 41.88 -28.82
CA LYS A 14 18.81 40.45 -28.63
C LYS A 14 19.87 39.90 -27.67
N LEU A 15 21.03 40.53 -27.60
CA LEU A 15 22.09 40.08 -26.70
C LEU A 15 21.71 40.35 -25.24
N GLU A 16 21.30 41.60 -24.98
CA GLU A 16 20.74 41.91 -23.65
C GLU A 16 19.60 40.96 -23.27
N GLU A 17 18.64 40.84 -24.19
CA GLU A 17 17.50 39.93 -23.96
C GLU A 17 18.01 38.52 -23.61
N SER A 18 19.01 38.05 -24.34
CA SER A 18 19.59 36.72 -24.15
C SER A 18 20.13 36.51 -22.74
N GLU A 19 20.89 37.48 -22.24
CA GLU A 19 21.40 37.32 -20.87
C GLU A 19 20.24 37.28 -19.82
N LYS A 20 19.36 38.27 -19.91
CA LYS A 20 18.21 38.30 -18.99
C LYS A 20 17.40 36.99 -19.05
N LEU A 21 17.35 36.42 -20.25
CA LEU A 21 16.64 35.20 -20.56
C LEU A 21 17.29 34.02 -19.87
N ILE A 22 18.61 33.96 -19.90
CA ILE A 22 19.33 32.94 -19.12
C ILE A 22 18.84 32.98 -17.68
N LYS A 23 18.87 34.19 -17.10
CA LYS A 23 18.46 34.25 -15.68
C LYS A 23 17.00 33.77 -15.44
N GLU A 24 16.10 34.23 -16.31
CA GLU A 24 14.68 33.87 -16.21
C GLU A 24 14.44 32.36 -16.34
N LEU A 25 15.08 31.73 -17.32
CA LEU A 25 14.93 30.28 -17.52
C LEU A 25 15.46 29.51 -16.33
N THR A 26 16.58 29.97 -15.78
CA THR A 26 17.12 29.34 -14.58
C THR A 26 16.11 29.38 -13.44
N VAL A 27 15.55 30.57 -13.19
CA VAL A 27 14.55 30.68 -12.11
C VAL A 27 13.35 29.77 -12.36
N THR A 28 12.85 29.77 -13.60
CA THR A 28 11.70 28.94 -13.96
C THR A 28 11.96 27.44 -13.71
N TRP A 29 13.10 26.95 -14.20
CA TRP A 29 13.42 25.54 -14.05
C TRP A 29 13.62 25.16 -12.58
N GLU A 30 14.29 26.04 -11.83
CA GLU A 30 14.43 25.85 -10.39
C GLU A 30 13.07 25.72 -9.72
N GLU A 31 12.15 26.60 -10.11
CA GLU A 31 10.80 26.58 -9.57
C GLU A 31 10.11 25.26 -9.86
N LYS A 32 10.21 24.79 -11.09
CA LYS A 32 9.50 23.56 -11.45
C LYS A 32 10.10 22.37 -10.68
N LEU A 33 11.43 22.37 -10.54
CA LEU A 33 12.13 21.36 -9.75
C LEU A 33 11.61 21.32 -8.30
N ARG A 34 11.65 22.48 -7.65
CA ARG A 34 11.13 22.66 -6.31
C ARG A 34 9.69 22.14 -6.18
N LYS A 35 8.88 22.43 -7.19
CA LYS A 35 7.49 22.00 -7.22
C LYS A 35 7.34 20.48 -7.23
N THR A 36 8.04 19.84 -8.18
CA THR A 36 8.08 18.38 -8.27
C THR A 36 8.47 17.75 -6.93
N GLU A 37 9.56 18.27 -6.36
CA GLU A 37 10.06 17.79 -5.09
C GLU A 37 9.02 17.92 -3.98
N ALA A 38 8.34 19.07 -3.95
CA ALA A 38 7.32 19.33 -2.94
C ALA A 38 6.17 18.35 -3.07
N ILE A 39 5.78 18.05 -4.31
CA ILE A 39 4.73 17.06 -4.54
C ILE A 39 5.14 15.70 -3.99
N ALA A 40 6.33 15.24 -4.38
CA ALA A 40 6.84 13.95 -3.89
C ALA A 40 6.83 13.88 -2.36
N GLN A 41 7.38 14.93 -1.75
CA GLN A 41 7.48 14.98 -0.30
C GLN A 41 6.11 14.98 0.37
N GLU A 42 5.15 15.69 -0.24
CA GLU A 42 3.82 15.78 0.32
C GLU A 42 3.13 14.44 0.30
N ARG A 43 3.25 13.71 -0.82
CA ARG A 43 2.69 12.35 -0.92
CA ARG A 43 2.61 12.40 -0.85
C ARG A 43 3.30 11.43 0.12
N GLN A 44 4.62 11.52 0.25
CA GLN A 44 5.32 10.71 1.25
C GLN A 44 4.78 11.00 2.65
N ARG A 45 4.57 12.27 2.94
CA ARG A 45 4.01 12.65 4.23
C ARG A 45 2.60 12.10 4.41
N GLN A 46 1.83 12.06 3.33
CA GLN A 46 0.47 11.53 3.42
C GLN A 46 0.55 10.05 3.82
N LEU A 47 1.45 9.32 3.16
CA LEU A 47 1.62 7.90 3.51
C LEU A 47 2.04 7.72 4.97
N GLU A 48 3.00 8.53 5.40
CA GLU A 48 3.50 8.46 6.77
C GLU A 48 2.38 8.77 7.79
N SER A 49 1.51 9.70 7.44
CA SER A 49 0.41 10.07 8.32
CA SER A 49 0.40 10.08 8.31
C SER A 49 -0.62 8.96 8.38
N MET A 50 -0.76 8.20 7.30
CA MET A 50 -1.64 7.02 7.32
C MET A 50 -1.02 5.85 8.11
N GLY A 51 0.28 5.94 8.41
CA GLY A 51 0.96 4.87 9.11
C GLY A 51 1.39 3.76 8.16
N ILE A 52 1.59 4.13 6.89
CA ILE A 52 1.88 3.18 5.83
CA ILE A 52 1.87 3.19 5.80
C ILE A 52 3.31 3.28 5.30
N SER A 53 3.89 2.13 5.00
CA SER A 53 5.17 2.05 4.29
CA SER A 53 5.16 2.07 4.28
C SER A 53 4.99 1.28 3.00
N LEU A 54 5.43 1.87 1.88
CA LEU A 54 5.36 1.19 0.60
C LEU A 54 6.67 0.45 0.39
N GLU A 55 6.58 -0.87 0.25
CA GLU A 55 7.78 -1.67 0.01
C GLU A 55 7.70 -2.39 -1.35
N THR A 56 8.83 -2.94 -1.78
CA THR A 56 8.92 -3.59 -3.09
C THR A 56 7.81 -4.60 -3.34
N SER A 57 7.49 -5.39 -2.30
CA SER A 57 6.53 -6.47 -2.44
C SER A 57 5.16 -6.17 -1.87
N GLY A 58 4.94 -4.96 -1.34
CA GLY A 58 3.62 -4.68 -0.80
C GLY A 58 3.57 -3.57 0.23
N ILE A 59 2.67 -3.70 1.21
CA ILE A 59 2.39 -2.63 2.17
C ILE A 59 2.64 -3.03 3.61
N LYS A 60 3.42 -2.21 4.31
CA LYS A 60 3.66 -2.36 5.73
C LYS A 60 2.80 -1.36 6.48
N VAL A 61 2.18 -1.79 7.58
CA VAL A 61 1.40 -0.86 8.41
C VAL A 61 1.97 -0.77 9.81
N GLY A 62 2.17 0.46 10.30
CA GLY A 62 2.75 0.68 11.62
C GLY A 62 2.08 -0.08 12.75
N ASP A 63 2.89 -0.61 13.67
CA ASP A 63 2.38 -1.39 14.79
C ASP A 63 1.51 -0.53 15.70
N ASP A 64 1.80 0.77 15.68
CA ASP A 64 1.05 1.70 16.53
CA ASP A 64 1.08 1.78 16.45
C ASP A 64 -0.33 2.04 15.94
N LYS A 65 -0.59 1.63 14.71
CA LYS A 65 -1.86 1.90 14.05
C LYS A 65 -2.99 1.01 14.56
N CYS A 66 -4.17 1.58 14.80
CA CYS A 66 -5.36 0.77 15.12
C CYS A 66 -6.17 0.49 13.86
N TYR A 67 -6.35 -0.78 13.51
CA TYR A 67 -7.08 -1.05 12.28
C TYR A 67 -7.73 -2.43 12.25
N LEU A 68 -8.60 -2.61 11.28
CA LEU A 68 -9.33 -3.85 11.03
C LEU A 68 -8.87 -4.47 9.73
N VAL A 69 -8.66 -5.78 9.73
CA VAL A 69 -8.30 -6.51 8.53
C VAL A 69 -9.50 -7.35 8.09
N ASN A 70 -9.94 -7.07 6.86
CA ASN A 70 -11.14 -7.66 6.26
C ASN A 70 -10.87 -9.05 5.69
N LEU A 71 -11.39 -10.09 6.37
CA LEU A 71 -11.27 -11.46 5.89
C LEU A 71 -12.60 -12.04 5.40
N ASN A 72 -13.38 -11.22 4.69
CA ASN A 72 -14.72 -11.60 4.22
C ASN A 72 -14.74 -12.97 3.53
N ALA A 73 -15.59 -13.88 4.01
CA ALA A 73 -15.69 -15.22 3.45
C ALA A 73 -16.27 -15.20 2.02
N ASP A 74 -16.87 -14.08 1.66
CA ASP A 74 -17.33 -13.82 0.30
C ASP A 74 -16.26 -13.01 -0.44
N PRO A 75 -16.22 -13.11 -1.77
CA PRO A 75 -15.41 -12.13 -2.51
C PRO A 75 -15.90 -10.71 -2.22
N ALA A 76 -15.00 -9.73 -2.30
CA ALA A 76 -15.32 -8.36 -1.87
C ALA A 76 -15.82 -7.48 -3.01
N LEU A 77 -14.88 -6.91 -3.74
CA LEU A 77 -15.13 -6.01 -4.87
C LEU A 77 -15.61 -4.61 -4.44
N ASN A 78 -16.42 -4.50 -3.39
CA ASN A 78 -16.85 -3.16 -2.93
C ASN A 78 -16.32 -2.74 -1.55
N GLU A 79 -15.60 -3.62 -0.88
CA GLU A 79 -15.08 -3.29 0.45
C GLU A 79 -13.57 -3.04 0.43
N LEU A 80 -13.05 -2.48 1.51
CA LEU A 80 -11.61 -2.30 1.67
C LEU A 80 -11.00 -3.52 2.35
N LEU A 81 -9.72 -3.75 2.12
CA LEU A 81 -9.03 -4.87 2.75
C LEU A 81 -8.67 -4.50 4.18
N VAL A 82 -8.33 -3.23 4.38
CA VAL A 82 -7.95 -2.70 5.69
C VAL A 82 -8.74 -1.44 5.99
N TYR A 83 -9.38 -1.38 7.16
CA TYR A 83 -10.06 -0.16 7.60
C TYR A 83 -9.35 0.44 8.80
N TYR A 84 -9.01 1.72 8.73
CA TYR A 84 -8.42 2.39 9.88
C TYR A 84 -9.51 2.75 10.89
N LEU A 85 -9.18 2.72 12.17
CA LEU A 85 -10.17 3.05 13.20
C LEU A 85 -9.98 4.48 13.69
N LYS A 86 -11.06 5.26 13.67
CA LYS A 86 -11.05 6.60 14.27
C LYS A 86 -11.48 6.47 15.72
N ASP A 87 -11.57 7.59 16.45
CA ASP A 87 -11.99 7.53 17.84
CA ASP A 87 -12.00 7.56 17.83
C ASP A 87 -13.40 6.97 17.95
N HIS A 88 -14.27 7.32 17.02
CA HIS A 88 -15.63 6.79 17.01
CA HIS A 88 -15.63 6.81 17.01
C HIS A 88 -15.96 6.28 15.62
N THR A 89 -16.08 4.97 15.49
CA THR A 89 -16.30 4.35 14.20
C THR A 89 -17.65 3.62 14.12
N ARG A 90 -18.52 4.10 13.25
CA ARG A 90 -19.80 3.42 13.04
C ARG A 90 -19.68 2.42 11.89
N VAL A 91 -20.08 1.18 12.17
CA VAL A 91 -19.98 0.07 11.24
C VAL A 91 -21.38 -0.37 10.86
N GLY A 92 -21.67 -0.49 9.57
CA GLY A 92 -22.98 -1.00 9.18
C GLY A 92 -23.18 -0.94 7.69
N ALA A 93 -24.40 -1.21 7.26
CA ALA A 93 -24.71 -1.30 5.85
C ALA A 93 -25.13 0.03 5.25
N ASP A 94 -25.53 1.00 6.07
CA ASP A 94 -26.06 2.22 5.47
CA ASP A 94 -26.04 2.26 5.54
C ASP A 94 -24.91 3.14 5.05
N THR A 95 -25.24 4.06 4.16
CA THR A 95 -24.24 4.90 3.52
CA THR A 95 -24.24 4.93 3.53
C THR A 95 -23.65 5.95 4.49
N SER A 96 -24.33 6.17 5.62
CA SER A 96 -23.83 7.10 6.63
C SER A 96 -22.69 6.52 7.48
N GLN A 97 -22.49 5.20 7.42
CA GLN A 97 -21.53 4.55 8.30
C GLN A 97 -20.08 4.88 7.93
N ASP A 98 -19.18 4.85 8.92
CA ASP A 98 -17.76 5.07 8.63
C ASP A 98 -17.15 3.88 7.91
N ILE A 99 -17.59 2.69 8.30
CA ILE A 99 -17.21 1.47 7.64
C ILE A 99 -18.47 0.83 7.08
N GLN A 100 -18.64 0.91 5.76
CA GLN A 100 -19.84 0.38 5.14
C GLN A 100 -19.60 -0.99 4.59
N LEU A 101 -20.35 -1.95 5.12
CA LEU A 101 -20.19 -3.34 4.71
C LEU A 101 -21.41 -3.81 3.95
N PHE A 102 -21.21 -4.83 3.12
CA PHE A 102 -22.24 -5.32 2.21
C PHE A 102 -22.47 -6.81 2.43
N GLY A 103 -23.66 -7.15 2.87
CA GLY A 103 -23.96 -8.55 3.16
C GLY A 103 -25.32 -8.69 3.82
N ILE A 104 -25.93 -9.87 3.67
CA ILE A 104 -27.31 -10.02 4.11
C ILE A 104 -27.47 -9.89 5.65
N GLY A 105 -26.42 -10.19 6.39
CA GLY A 105 -26.50 -10.13 7.84
C GLY A 105 -26.04 -8.81 8.44
N ILE A 106 -25.66 -7.87 7.57
CA ILE A 106 -25.22 -6.56 8.04
C ILE A 106 -26.41 -5.63 8.12
N GLN A 107 -26.63 -5.04 9.29
CA GLN A 107 -27.72 -4.09 9.48
C GLN A 107 -27.29 -2.68 9.08
N PRO A 108 -28.26 -1.84 8.71
CA PRO A 108 -27.96 -0.45 8.36
C PRO A 108 -27.03 0.21 9.38
N GLU A 109 -27.37 0.06 10.66
CA GLU A 109 -26.48 0.41 11.75
C GLU A 109 -26.14 -0.88 12.50
N HIS A 110 -24.90 -1.35 12.40
CA HIS A 110 -24.58 -2.68 12.90
C HIS A 110 -23.87 -2.65 14.23
N CYS A 111 -22.88 -1.78 14.35
CA CYS A 111 -22.20 -1.62 15.63
CA CYS A 111 -22.01 -1.74 15.51
C CYS A 111 -21.33 -0.38 15.65
N GLU A 112 -20.75 -0.10 16.81
CA GLU A 112 -19.83 1.04 16.93
C GLU A 112 -18.59 0.58 17.65
N ILE A 113 -17.43 1.03 17.18
CA ILE A 113 -16.18 0.77 17.87
C ILE A 113 -15.61 2.10 18.33
N ASP A 114 -15.26 2.19 19.60
CA ASP A 114 -14.80 3.44 20.17
C ASP A 114 -13.43 3.28 20.80
N ILE A 115 -12.62 4.31 20.61
CA ILE A 115 -11.34 4.43 21.28
C ILE A 115 -11.41 5.55 22.29
N ALA A 116 -11.40 5.17 23.57
CA ALA A 116 -11.51 6.14 24.67
C ALA A 116 -10.24 6.96 24.82
N ALA A 117 -10.36 8.10 25.50
CA ALA A 117 -9.23 8.98 25.77
C ALA A 117 -8.13 8.26 26.54
N ASP A 118 -8.49 7.26 27.34
CA ASP A 118 -7.50 6.55 28.13
C ASP A 118 -6.89 5.37 27.36
N GLY A 119 -7.30 5.22 26.10
CA GLY A 119 -6.75 4.18 25.23
C GLY A 119 -7.58 2.91 25.13
N ASP A 120 -8.59 2.78 25.96
CA ASP A 120 -9.41 1.57 25.92
C ASP A 120 -10.21 1.50 24.63
N ILE A 121 -10.27 0.31 24.04
CA ILE A 121 -11.02 0.06 22.82
C ILE A 121 -12.25 -0.77 23.13
N THR A 122 -13.42 -0.32 22.69
CA THR A 122 -14.64 -1.08 22.94
C THR A 122 -15.48 -1.25 21.69
N LEU A 123 -16.30 -2.28 21.71
CA LEU A 123 -17.27 -2.54 20.67
C LEU A 123 -18.66 -2.52 21.30
N THR A 124 -19.56 -1.71 20.77
CA THR A 124 -20.93 -1.64 21.25
C THR A 124 -21.87 -2.12 20.16
N PRO A 125 -22.49 -3.28 20.40
CA PRO A 125 -23.38 -3.87 19.40
C PRO A 125 -24.72 -3.15 19.36
N LYS A 126 -25.44 -3.34 18.26
CA LYS A 126 -26.74 -2.74 18.04
C LYS A 126 -27.82 -3.81 17.95
N GLU A 127 -29.06 -3.43 18.25
CA GLU A 127 -30.16 -4.37 18.27
C GLU A 127 -30.31 -5.07 16.93
N ASN A 128 -30.53 -6.38 16.99
CA ASN A 128 -30.74 -7.23 15.82
C ASN A 128 -29.56 -7.33 14.88
N ALA A 129 -28.39 -6.88 15.33
CA ALA A 129 -27.18 -6.98 14.52
C ALA A 129 -26.19 -7.91 15.18
N ARG A 130 -25.83 -9.00 14.50
CA ARG A 130 -24.94 -9.98 15.08
C ARG A 130 -23.49 -9.50 15.13
N SER A 131 -22.96 -9.38 16.35
CA SER A 131 -21.53 -9.14 16.56
C SER A 131 -21.00 -10.24 17.46
N CYS A 132 -19.94 -10.88 16.99
CA CYS A 132 -19.26 -11.96 17.66
CA CYS A 132 -19.27 -11.90 17.78
C CYS A 132 -17.84 -11.51 18.02
N VAL A 133 -17.40 -11.67 19.26
CA VAL A 133 -16.01 -11.37 19.60
C VAL A 133 -15.38 -12.66 20.12
N ASN A 134 -14.34 -13.14 19.45
CA ASN A 134 -13.74 -14.44 19.74
C ASN A 134 -14.81 -15.54 19.86
N GLY A 135 -15.77 -15.52 18.93
CA GLY A 135 -16.75 -16.58 18.85
C GLY A 135 -17.94 -16.38 19.76
N THR A 136 -17.85 -15.43 20.68
CA THR A 136 -18.96 -15.19 21.62
C THR A 136 -19.88 -14.09 21.12
N LEU A 137 -21.17 -14.38 21.07
CA LEU A 137 -22.15 -13.38 20.67
C LEU A 137 -22.20 -12.32 21.76
N VAL A 138 -21.96 -11.07 21.40
CA VAL A 138 -21.97 -10.02 22.42
C VAL A 138 -23.15 -9.07 22.24
N CYS A 139 -23.71 -8.60 23.35
CA CYS A 139 -24.91 -7.77 23.31
C CYS A 139 -24.71 -6.42 23.96
N SER A 140 -23.66 -6.30 24.76
CA SER A 140 -23.37 -5.05 25.44
C SER A 140 -21.95 -4.62 25.13
N THR A 141 -21.59 -3.45 25.60
CA THR A 141 -20.28 -2.89 25.31
C THR A 141 -19.20 -3.82 25.82
N THR A 142 -18.28 -4.16 24.91
CA THR A 142 -17.25 -5.18 25.12
C THR A 142 -15.86 -4.63 24.83
N GLN A 143 -14.94 -4.77 25.78
CA GLN A 143 -13.58 -4.31 25.53
C GLN A 143 -12.89 -5.23 24.53
N LEU A 144 -12.12 -4.63 23.62
CA LEU A 144 -11.38 -5.36 22.59
C LEU A 144 -9.90 -5.32 22.93
N TRP A 145 -9.21 -6.38 22.56
CA TRP A 145 -7.79 -6.53 22.84
C TRP A 145 -7.09 -6.93 21.56
N HIS A 146 -5.79 -6.67 21.49
CA HIS A 146 -5.03 -7.02 20.30
C HIS A 146 -5.23 -8.47 19.88
N GLY A 147 -5.49 -8.69 18.61
CA GLY A 147 -5.60 -10.04 18.09
C GLY A 147 -7.00 -10.63 18.20
N ASP A 148 -7.95 -9.84 18.70
CA ASP A 148 -9.33 -10.33 18.80
C ASP A 148 -9.89 -10.62 17.41
N ARG A 149 -10.71 -11.66 17.34
CA ARG A 149 -11.48 -12.01 16.17
C ARG A 149 -12.88 -11.42 16.27
N ILE A 150 -13.33 -10.78 15.18
CA ILE A 150 -14.65 -10.18 15.15
C ILE A 150 -15.44 -10.77 14.01
N LEU A 151 -16.64 -11.29 14.28
CA LEU A 151 -17.53 -11.68 13.17
C LEU A 151 -18.78 -10.80 13.16
N TRP A 152 -19.02 -10.15 12.02
CA TRP A 152 -20.27 -9.43 11.79
C TRP A 152 -21.12 -10.18 10.76
N GLY A 153 -22.41 -10.36 11.07
CA GLY A 153 -23.33 -11.01 10.15
C GLY A 153 -22.92 -12.45 9.90
N ASN A 154 -23.18 -12.96 8.71
CA ASN A 154 -22.87 -14.36 8.36
C ASN A 154 -21.44 -14.60 7.94
N ASN A 155 -20.82 -13.57 7.36
CA ASN A 155 -19.59 -13.80 6.62
C ASN A 155 -18.48 -12.82 6.89
N HIS A 156 -18.75 -11.75 7.65
CA HIS A 156 -17.75 -10.70 7.72
C HIS A 156 -16.80 -10.91 8.88
N PHE A 157 -15.81 -11.76 8.63
CA PHE A 157 -14.72 -12.02 9.55
C PHE A 157 -13.68 -10.92 9.47
N PHE A 158 -13.35 -10.37 10.64
CA PHE A 158 -12.32 -9.36 10.77
C PHE A 158 -11.34 -9.74 11.84
N ARG A 159 -10.12 -9.24 11.70
CA ARG A 159 -9.20 -9.28 12.82
C ARG A 159 -8.83 -7.86 13.19
N ILE A 160 -8.68 -7.58 14.47
CA ILE A 160 -8.38 -6.21 14.85
C ILE A 160 -6.94 -6.11 15.35
N ASN A 161 -6.25 -5.08 14.88
CA ASN A 161 -4.90 -4.77 15.31
C ASN A 161 -4.95 -3.56 16.24
N LEU A 162 -4.47 -3.77 17.47
CA LEU A 162 -4.45 -2.76 18.51
C LEU A 162 -3.07 -2.80 19.17
N PRO A 163 -2.49 -1.62 19.46
CA PRO A 163 -1.13 -1.42 20.01
C PRO A 163 -0.62 -2.54 20.92
N SER B 4 32.01 51.97 -26.33
CA SER B 4 32.63 51.76 -27.64
C SER B 4 31.74 50.83 -28.39
N ALA B 5 31.07 51.32 -29.40
CA ALA B 5 29.99 50.54 -29.97
C ALA B 5 30.49 49.30 -30.68
N MET B 6 30.05 48.16 -30.17
CA MET B 6 30.31 46.89 -30.83
C MET B 6 29.61 46.81 -32.18
N LYS B 7 30.30 46.25 -33.16
CA LYS B 7 29.72 46.05 -34.48
C LYS B 7 29.13 44.66 -34.60
N ALA B 8 28.50 44.38 -35.75
CA ALA B 8 27.75 43.15 -35.95
C ALA B 8 28.56 41.84 -35.83
N PRO B 9 29.81 41.79 -36.30
CA PRO B 9 30.50 40.50 -36.11
C PRO B 9 30.74 40.13 -34.64
N GLU B 10 31.11 41.12 -33.82
CA GLU B 10 31.37 40.86 -32.41
C GLU B 10 30.05 40.56 -31.68
N LEU B 11 29.02 41.35 -31.99
CA LEU B 11 27.69 41.12 -31.44
C LEU B 11 27.16 39.72 -31.76
N LYS B 12 27.35 39.30 -33.02
CA LYS B 12 26.90 37.99 -33.43
C LYS B 12 27.68 36.90 -32.70
N GLU B 13 29.00 37.07 -32.56
CA GLU B 13 29.79 36.14 -31.75
C GLU B 13 29.28 36.02 -30.30
N LYS B 14 29.05 37.16 -29.66
CA LYS B 14 28.61 37.16 -28.25
C LYS B 14 27.22 36.54 -28.12
N LEU B 15 26.36 36.78 -29.11
CA LEU B 15 25.04 36.20 -29.10
C LEU B 15 25.13 34.69 -29.27
N GLU B 16 25.97 34.23 -30.19
CA GLU B 16 26.25 32.80 -30.35
C GLU B 16 26.69 32.17 -29.03
N GLU B 17 27.60 32.82 -28.32
CA GLU B 17 28.08 32.25 -27.06
C GLU B 17 26.96 32.22 -26.00
N SER B 18 26.17 33.29 -25.95
CA SER B 18 25.05 33.36 -25.03
C SER B 18 24.05 32.23 -25.25
N GLU B 19 23.75 31.98 -26.52
CA GLU B 19 22.74 30.99 -26.84
C GLU B 19 23.31 29.58 -26.73
N LYS B 20 24.62 29.45 -26.88
CA LYS B 20 25.28 28.19 -26.57
C LYS B 20 25.11 27.88 -25.08
N LEU B 21 25.33 28.91 -24.26
CA LEU B 21 25.12 28.76 -22.81
C LEU B 21 23.68 28.35 -22.50
N ILE B 22 22.71 29.02 -23.13
CA ILE B 22 21.31 28.63 -22.89
C ILE B 22 21.02 27.20 -23.31
N LYS B 23 21.56 26.78 -24.45
CA LYS B 23 21.32 25.39 -24.89
C LYS B 23 21.87 24.39 -23.88
N GLU B 24 23.11 24.62 -23.46
CA GLU B 24 23.74 23.72 -22.50
C GLU B 24 22.97 23.65 -21.17
N LEU B 25 22.59 24.83 -20.66
CA LEU B 25 21.74 24.88 -19.47
C LEU B 25 20.46 24.08 -19.65
N THR B 26 19.85 24.19 -20.83
CA THR B 26 18.65 23.44 -21.14
C THR B 26 18.87 21.94 -21.06
N VAL B 27 19.96 21.46 -21.65
CA VAL B 27 20.22 20.02 -21.58
C VAL B 27 20.42 19.56 -20.13
N THR B 28 21.23 20.32 -19.39
CA THR B 28 21.44 20.04 -17.97
C THR B 28 20.14 19.92 -17.18
N TRP B 29 19.33 20.97 -17.26
CA TRP B 29 18.06 20.98 -16.53
C TRP B 29 17.07 19.95 -17.04
N GLU B 30 17.20 19.55 -18.30
CA GLU B 30 16.41 18.44 -18.84
C GLU B 30 16.76 17.16 -18.09
N GLU B 31 18.07 16.88 -17.99
CA GLU B 31 18.53 15.73 -17.20
C GLU B 31 17.93 15.78 -15.80
N LYS B 32 18.22 16.88 -15.09
CA LYS B 32 17.80 17.02 -13.69
C LYS B 32 16.30 16.83 -13.50
N LEU B 33 15.51 17.51 -14.33
CA LEU B 33 14.05 17.42 -14.24
C LEU B 33 13.56 16.02 -14.52
N ARG B 34 14.09 15.37 -15.56
CA ARG B 34 13.61 14.03 -15.89
C ARG B 34 13.95 13.06 -14.76
N LYS B 35 15.14 13.20 -14.18
CA LYS B 35 15.50 12.40 -13.00
C LYS B 35 14.52 12.58 -11.85
N THR B 36 14.36 13.84 -11.43
CA THR B 36 13.55 14.15 -10.26
C THR B 36 12.10 13.73 -10.45
N GLU B 37 11.58 13.92 -11.66
CA GLU B 37 10.20 13.52 -11.95
C GLU B 37 10.08 11.99 -11.97
N ALA B 38 11.10 11.31 -12.48
CA ALA B 38 11.09 9.86 -12.53
C ALA B 38 11.04 9.29 -11.12
N ILE B 39 11.84 9.88 -10.23
CA ILE B 39 11.85 9.42 -8.85
C ILE B 39 10.54 9.82 -8.12
N ALA B 40 9.99 10.97 -8.48
CA ALA B 40 8.77 11.46 -7.85
C ALA B 40 7.54 10.65 -8.23
N GLN B 41 7.58 10.00 -9.40
CA GLN B 41 6.44 9.21 -9.85
C GLN B 41 6.51 7.77 -9.38
N GLU B 42 7.58 7.44 -8.64
CA GLU B 42 7.84 6.05 -8.29
C GLU B 42 6.71 5.43 -7.48
N ARG B 43 6.26 6.13 -6.44
CA ARG B 43 5.21 5.58 -5.56
C ARG B 43 3.96 5.24 -6.35
N GLN B 44 3.56 6.15 -7.23
CA GLN B 44 2.36 5.95 -8.05
C GLN B 44 2.52 4.76 -8.98
N ARG B 45 3.66 4.69 -9.67
CA ARG B 45 3.94 3.55 -10.54
C ARG B 45 3.84 2.23 -9.77
N GLN B 46 4.47 2.19 -8.59
CA GLN B 46 4.41 1.01 -7.74
C GLN B 46 2.98 0.64 -7.38
N LEU B 47 2.24 1.63 -6.89
CA LEU B 47 0.88 1.36 -6.42
C LEU B 47 -0.02 0.89 -7.55
N GLU B 48 0.18 1.47 -8.73
CA GLU B 48 -0.61 1.09 -9.89
C GLU B 48 -0.28 -0.34 -10.29
N SER B 49 1.01 -0.67 -10.30
CA SER B 49 1.44 -2.02 -10.62
C SER B 49 0.84 -3.03 -9.64
N MET B 50 0.73 -2.63 -8.37
CA MET B 50 0.20 -3.56 -7.37
C MET B 50 -1.32 -3.52 -7.25
N GLY B 51 -1.92 -2.57 -7.96
CA GLY B 51 -3.37 -2.42 -7.96
C GLY B 51 -3.91 -1.99 -6.60
N ILE B 52 -3.11 -1.18 -5.90
CA ILE B 52 -3.47 -0.79 -4.53
C ILE B 52 -3.80 0.68 -4.45
N SER B 53 -4.96 0.97 -3.86
CA SER B 53 -5.38 2.34 -3.66
C SER B 53 -5.35 2.70 -2.17
N LEU B 54 -4.59 3.74 -1.83
CA LEU B 54 -4.42 4.12 -0.44
C LEU B 54 -5.34 5.27 -0.09
N GLU B 55 -6.39 4.95 0.67
CA GLU B 55 -7.43 5.90 1.02
C GLU B 55 -7.30 6.39 2.45
N THR B 56 -7.94 7.52 2.72
CA THR B 56 -7.99 8.09 4.04
C THR B 56 -8.50 7.09 5.06
N SER B 57 -9.50 6.31 4.65
CA SER B 57 -10.14 5.41 5.60
C SER B 57 -9.54 4.00 5.57
N GLY B 58 -8.56 3.76 4.69
CA GLY B 58 -7.95 2.44 4.64
C GLY B 58 -7.34 2.04 3.32
N ILE B 59 -7.19 0.73 3.11
CA ILE B 59 -6.50 0.20 1.94
C ILE B 59 -7.42 -0.60 1.02
N LYS B 60 -7.49 -0.20 -0.24
CA LYS B 60 -8.26 -0.93 -1.24
C LYS B 60 -7.32 -1.72 -2.13
N VAL B 61 -7.65 -2.98 -2.43
CA VAL B 61 -6.83 -3.75 -3.38
C VAL B 61 -7.66 -4.14 -4.59
N GLY B 62 -6.97 -4.40 -5.70
CA GLY B 62 -7.64 -4.64 -6.97
C GLY B 62 -8.35 -5.97 -7.05
N ASP B 63 -9.47 -5.98 -7.75
CA ASP B 63 -10.33 -7.15 -7.90
C ASP B 63 -9.68 -8.26 -8.73
N ASP B 64 -8.64 -7.89 -9.47
CA ASP B 64 -8.07 -8.76 -10.50
C ASP B 64 -6.62 -9.20 -10.24
N LYS B 65 -6.04 -8.81 -9.10
CA LYS B 65 -4.63 -9.11 -8.78
C LYS B 65 -4.52 -10.06 -7.60
N CYS B 66 -3.36 -10.70 -7.35
CA CYS B 66 -3.34 -11.68 -6.27
CA CYS B 66 -3.35 -11.66 -6.26
C CYS B 66 -2.59 -11.11 -5.06
N TYR B 67 -3.15 -11.31 -3.86
CA TYR B 67 -2.49 -10.79 -2.65
C TYR B 67 -2.39 -11.83 -1.55
N LEU B 68 -1.36 -11.74 -0.74
CA LEU B 68 -1.26 -12.50 0.51
C LEU B 68 -1.48 -11.54 1.67
N VAL B 69 -2.39 -11.90 2.57
CA VAL B 69 -2.71 -11.07 3.71
C VAL B 69 -2.15 -11.73 4.96
N ASN B 70 -1.32 -10.99 5.68
CA ASN B 70 -0.68 -11.48 6.88
C ASN B 70 -1.69 -11.67 8.02
N LEU B 71 -1.88 -12.90 8.46
CA LEU B 71 -2.82 -13.17 9.56
C LEU B 71 -2.18 -13.22 10.94
N ASN B 72 -0.86 -13.06 11.01
CA ASN B 72 -0.18 -13.13 12.30
CA ASN B 72 -0.20 -13.13 12.30
C ASN B 72 -0.43 -11.88 13.11
N ALA B 73 -0.94 -12.04 14.33
CA ALA B 73 -1.23 -10.92 15.21
C ALA B 73 0.06 -10.26 15.67
N ASP B 74 1.14 -11.04 15.74
CA ASP B 74 2.43 -10.52 16.17
C ASP B 74 3.55 -10.82 15.17
N PRO B 75 3.48 -10.21 13.97
CA PRO B 75 4.47 -10.49 12.92
C PRO B 75 5.86 -9.96 13.25
N ALA B 76 6.89 -10.60 12.69
CA ALA B 76 8.25 -10.08 12.83
C ALA B 76 8.36 -8.69 12.23
N LEU B 77 9.35 -7.94 12.68
CA LEU B 77 9.48 -6.54 12.35
C LEU B 77 9.55 -6.29 10.83
N ASN B 78 10.07 -7.26 10.08
CA ASN B 78 10.27 -7.04 8.65
C ASN B 78 9.05 -7.30 7.78
N GLU B 79 8.04 -7.97 8.33
CA GLU B 79 6.95 -8.48 7.51
C GLU B 79 5.96 -7.40 7.07
N LEU B 80 5.37 -7.62 5.91
CA LEU B 80 4.34 -6.74 5.40
C LEU B 80 2.96 -7.22 5.85
N LEU B 81 1.96 -6.34 5.78
CA LEU B 81 0.58 -6.74 6.04
C LEU B 81 -0.03 -7.34 4.77
N VAL B 82 0.29 -6.72 3.63
CA VAL B 82 -0.25 -7.16 2.35
C VAL B 82 0.91 -7.33 1.39
N TYR B 83 1.02 -8.52 0.80
CA TYR B 83 2.00 -8.82 -0.23
C TYR B 83 1.31 -8.92 -1.58
N TYR B 84 1.88 -8.31 -2.59
CA TYR B 84 1.35 -8.41 -3.94
C TYR B 84 2.03 -9.56 -4.67
N LEU B 85 1.20 -10.37 -5.32
CA LEU B 85 1.60 -11.50 -6.15
C LEU B 85 1.26 -11.22 -7.60
N LYS B 86 2.41 -11.06 -8.26
CA LYS B 86 2.69 -11.16 -9.68
C LYS B 86 3.03 -12.61 -10.00
N ASP B 87 3.65 -12.87 -11.15
CA ASP B 87 3.64 -14.22 -11.69
C ASP B 87 4.54 -15.28 -11.03
N HIS B 88 5.80 -14.97 -10.76
CA HIS B 88 6.63 -15.92 -9.99
C HIS B 88 7.01 -15.30 -8.65
N THR B 89 6.67 -16.00 -7.55
CA THR B 89 7.00 -15.49 -6.23
C THR B 89 7.81 -16.51 -5.41
N ARG B 90 8.97 -16.07 -4.95
CA ARG B 90 9.85 -16.87 -4.14
C ARG B 90 9.68 -16.49 -2.67
N VAL B 91 9.33 -17.49 -1.86
CA VAL B 91 9.12 -17.27 -0.42
C VAL B 91 10.19 -18.00 0.38
N GLY B 92 10.83 -17.31 1.31
CA GLY B 92 11.88 -17.94 2.09
C GLY B 92 12.68 -16.93 2.88
N ALA B 93 13.73 -17.39 3.55
CA ALA B 93 14.53 -16.53 4.42
C ALA B 93 15.66 -15.82 3.67
N ASP B 94 16.06 -16.36 2.51
CA ASP B 94 17.16 -15.77 1.73
C ASP B 94 16.87 -14.36 1.23
N THR B 95 17.91 -13.57 1.04
CA THR B 95 17.78 -12.21 0.52
CA THR B 95 17.73 -12.21 0.56
C THR B 95 17.21 -12.21 -0.88
N SER B 96 17.40 -13.32 -1.58
CA SER B 96 16.94 -13.48 -2.95
C SER B 96 15.43 -13.59 -3.07
N GLN B 97 14.77 -13.88 -1.95
CA GLN B 97 13.33 -14.17 -1.95
C GLN B 97 12.48 -12.92 -2.07
N ASP B 98 11.32 -13.05 -2.72
CA ASP B 98 10.38 -11.94 -2.90
C ASP B 98 9.62 -11.65 -1.61
N ILE B 99 9.25 -12.72 -0.93
CA ILE B 99 8.61 -12.63 0.37
C ILE B 99 9.58 -13.22 1.39
N GLN B 100 10.30 -12.34 2.06
CA GLN B 100 11.33 -12.78 2.98
C GLN B 100 10.78 -12.95 4.38
N LEU B 101 10.82 -14.19 4.87
CA LEU B 101 10.30 -14.50 6.19
C LEU B 101 11.37 -15.12 7.07
N PHE B 102 11.44 -14.65 8.30
CA PHE B 102 12.33 -15.26 9.28
C PHE B 102 11.48 -15.89 10.37
N GLY B 103 11.53 -17.20 10.42
CA GLY B 103 10.77 -17.92 11.43
C GLY B 103 11.27 -19.34 11.60
N ILE B 104 10.91 -19.93 12.73
CA ILE B 104 11.13 -21.35 12.95
C ILE B 104 10.44 -22.13 11.84
N GLY B 105 11.22 -22.94 11.14
CA GLY B 105 10.68 -23.82 10.13
C GLY B 105 10.73 -23.25 8.74
N ILE B 106 11.13 -21.99 8.62
CA ILE B 106 11.24 -21.35 7.31
C ILE B 106 12.61 -21.55 6.72
N GLN B 107 12.66 -22.19 5.55
CA GLN B 107 13.92 -22.46 4.87
C GLN B 107 14.38 -21.25 4.05
N PRO B 108 15.70 -21.16 3.81
CA PRO B 108 16.27 -20.13 2.93
C PRO B 108 15.47 -19.98 1.63
N GLU B 109 15.13 -21.11 1.03
CA GLU B 109 14.19 -21.15 -0.08
C GLU B 109 13.06 -22.08 0.31
N HIS B 110 11.90 -21.49 0.64
CA HIS B 110 10.85 -22.25 1.32
C HIS B 110 9.73 -22.73 0.41
N CYS B 111 9.22 -21.83 -0.43
CA CYS B 111 8.25 -22.29 -1.42
CA CYS B 111 8.09 -22.13 -1.29
C CYS B 111 8.15 -21.30 -2.57
N GLU B 112 7.39 -21.70 -3.59
CA GLU B 112 7.16 -20.86 -4.74
C GLU B 112 5.67 -20.75 -5.01
N ILE B 113 5.21 -19.56 -5.36
CA ILE B 113 3.83 -19.37 -5.79
C ILE B 113 3.85 -18.85 -7.22
N ASP B 114 3.13 -19.53 -8.10
CA ASP B 114 3.13 -19.16 -9.52
C ASP B 114 1.76 -18.80 -10.06
N ILE B 115 1.71 -17.73 -10.85
CA ILE B 115 0.49 -17.38 -11.57
C ILE B 115 0.69 -17.63 -13.08
N ALA B 116 -0.03 -18.63 -13.59
CA ALA B 116 0.11 -19.03 -14.98
C ALA B 116 -0.59 -18.06 -15.92
N ALA B 117 -0.23 -18.13 -17.20
CA ALA B 117 -0.81 -17.25 -18.21
C ALA B 117 -2.34 -17.34 -18.25
N ASP B 118 -2.89 -18.49 -17.88
CA ASP B 118 -4.34 -18.66 -17.90
C ASP B 118 -5.01 -18.32 -16.56
N GLY B 119 -4.24 -17.76 -15.63
CA GLY B 119 -4.78 -17.32 -14.36
C GLY B 119 -4.64 -18.30 -13.21
N ASP B 120 -4.43 -19.58 -13.52
CA ASP B 120 -4.22 -20.61 -12.51
C ASP B 120 -3.11 -20.22 -11.53
N ILE B 121 -3.43 -20.28 -10.24
CA ILE B 121 -2.44 -19.97 -9.21
C ILE B 121 -2.06 -21.24 -8.47
N THR B 122 -0.77 -21.50 -8.35
CA THR B 122 -0.33 -22.73 -7.69
C THR B 122 0.76 -22.44 -6.69
N LEU B 123 0.91 -23.35 -5.74
CA LEU B 123 1.95 -23.28 -4.74
C LEU B 123 2.78 -24.56 -4.86
N THR B 124 4.09 -24.41 -5.02
CA THR B 124 5.00 -25.54 -5.08
C THR B 124 5.99 -25.51 -3.91
N PRO B 125 6.01 -26.59 -3.13
CA PRO B 125 6.87 -26.63 -1.96
C PRO B 125 8.31 -26.89 -2.35
N LYS B 126 9.24 -26.53 -1.47
CA LYS B 126 10.66 -26.76 -1.70
C LYS B 126 11.11 -27.82 -0.72
N GLU B 127 12.30 -28.37 -0.97
CA GLU B 127 12.83 -29.46 -0.16
C GLU B 127 12.96 -29.03 1.30
N ASN B 128 12.49 -29.91 2.19
CA ASN B 128 12.61 -29.74 3.65
C ASN B 128 11.86 -28.51 4.17
N ALA B 129 10.91 -28.02 3.39
CA ALA B 129 10.18 -26.82 3.80
C ALA B 129 8.72 -27.12 3.95
N ARG B 130 8.21 -26.94 5.16
CA ARG B 130 6.83 -27.29 5.48
C ARG B 130 5.87 -26.19 5.08
N SER B 131 4.95 -26.54 4.19
CA SER B 131 3.85 -25.66 3.81
C SER B 131 2.52 -26.39 4.00
N CYS B 132 1.55 -25.71 4.59
CA CYS B 132 0.19 -26.24 4.70
C CYS B 132 -0.77 -25.33 4.00
N VAL B 133 -1.65 -25.92 3.18
CA VAL B 133 -2.75 -25.16 2.61
C VAL B 133 -4.06 -25.72 3.16
N ASN B 134 -4.86 -24.85 3.77
CA ASN B 134 -6.12 -25.26 4.40
C ASN B 134 -5.94 -26.47 5.27
N GLY B 135 -4.85 -26.48 6.04
CA GLY B 135 -4.59 -27.51 7.02
C GLY B 135 -3.99 -28.80 6.49
N THR B 136 -3.73 -28.84 5.18
CA THR B 136 -3.13 -30.01 4.54
C THR B 136 -1.66 -29.79 4.24
N LEU B 137 -0.79 -30.68 4.71
CA LEU B 137 0.61 -30.59 4.38
C LEU B 137 0.77 -30.75 2.88
N VAL B 138 1.42 -29.78 2.25
CA VAL B 138 1.55 -29.72 0.80
C VAL B 138 2.70 -30.60 0.30
N CYS B 139 2.39 -31.57 -0.56
CA CYS B 139 3.40 -32.48 -1.10
CA CYS B 139 3.41 -32.48 -1.11
C CYS B 139 3.36 -32.50 -2.63
N SER B 140 2.54 -31.63 -3.19
CA SER B 140 2.40 -31.56 -4.63
C SER B 140 2.09 -30.13 -4.96
N THR B 141 2.50 -29.68 -6.14
CA THR B 141 2.03 -28.42 -6.66
C THR B 141 0.52 -28.39 -6.46
N THR B 142 0.06 -27.35 -5.77
CA THR B 142 -1.30 -27.29 -5.26
C THR B 142 -1.98 -26.03 -5.77
N GLN B 143 -3.12 -26.18 -6.42
CA GLN B 143 -3.84 -25.01 -6.92
C GLN B 143 -4.42 -24.20 -5.78
N LEU B 144 -4.28 -22.88 -5.84
CA LEU B 144 -4.82 -22.00 -4.79
C LEU B 144 -6.11 -21.30 -5.22
N TRP B 145 -6.98 -21.04 -4.24
CA TRP B 145 -8.24 -20.35 -4.50
C TRP B 145 -8.48 -19.26 -3.47
N HIS B 146 -9.35 -18.32 -3.79
CA HIS B 146 -9.65 -17.21 -2.90
C HIS B 146 -10.00 -17.72 -1.51
N GLY B 147 -9.35 -17.16 -0.49
CA GLY B 147 -9.68 -17.48 0.87
C GLY B 147 -8.85 -18.62 1.44
N ASP B 148 -8.01 -19.24 0.60
CA ASP B 148 -7.13 -20.29 1.09
C ASP B 148 -6.23 -19.77 2.21
N ARG B 149 -6.05 -20.58 3.25
CA ARG B 149 -5.18 -20.23 4.36
C ARG B 149 -3.88 -21.03 4.21
N ILE B 150 -2.76 -20.31 4.26
CA ILE B 150 -1.44 -20.89 4.07
C ILE B 150 -0.66 -20.78 5.37
N LEU B 151 -0.06 -21.88 5.80
CA LEU B 151 0.81 -21.86 6.96
C LEU B 151 2.21 -22.29 6.56
N TRP B 152 3.18 -21.40 6.79
CA TRP B 152 4.57 -21.71 6.52
C TRP B 152 5.30 -21.87 7.84
N GLY B 153 6.14 -22.90 7.90
CA GLY B 153 6.88 -23.18 9.10
C GLY B 153 5.94 -23.42 10.25
N ASN B 154 6.35 -23.00 11.43
CA ASN B 154 5.63 -23.29 12.66
C ASN B 154 4.42 -22.40 12.88
N ASN B 155 4.53 -21.14 12.48
CA ASN B 155 3.53 -20.14 12.86
CA ASN B 155 3.51 -20.15 12.84
C ASN B 155 3.40 -18.95 11.90
N HIS B 156 3.67 -19.16 10.60
CA HIS B 156 3.43 -18.05 9.67
C HIS B 156 2.14 -18.24 8.87
N PHE B 157 1.06 -17.61 9.34
CA PHE B 157 -0.26 -17.74 8.73
C PHE B 157 -0.59 -16.61 7.74
N PHE B 158 -1.09 -16.97 6.56
CA PHE B 158 -1.50 -15.99 5.55
C PHE B 158 -2.82 -16.40 4.92
N ARG B 159 -3.53 -15.43 4.38
CA ARG B 159 -4.73 -15.69 3.61
C ARG B 159 -4.54 -15.22 2.16
N ILE B 160 -4.88 -16.06 1.20
CA ILE B 160 -4.74 -15.60 -0.17
C ILE B 160 -6.03 -14.89 -0.61
N ASN B 161 -5.84 -13.79 -1.31
CA ASN B 161 -6.87 -12.89 -1.73
C ASN B 161 -6.86 -12.85 -3.25
N LEU B 162 -7.85 -13.49 -3.85
CA LEU B 162 -8.08 -13.38 -5.30
C LEU B 162 -9.57 -13.52 -5.62
N PRO B 163 -10.34 -12.43 -5.43
CA PRO B 163 -11.77 -12.47 -5.75
C PRO B 163 -12.04 -12.39 -7.26
#